data_2O4X
#
_entry.id   2O4X
#
_cell.length_a   49.931
_cell.length_b   93.413
_cell.length_c   95.279
_cell.angle_alpha   90.00
_cell.angle_beta   90.00
_cell.angle_gamma   90.00
#
_symmetry.space_group_name_H-M   'P 21 21 21'
#
loop_
_entity.id
_entity.type
_entity.pdbx_description
1 polymer 'Staphylococcal nuclease domain-containing protein 1'
2 polymer 'Staphylococcal nuclease domain-containing protein 1'
3 water water
#
loop_
_entity_poly.entity_id
_entity_poly.type
_entity_poly.pdbx_seq_one_letter_code
_entity_poly.pdbx_strand_id
1 'polypeptide(L)'
;SASYKPVFVTEITDDLHFYVQDVETGTQFEKLMENMRNDIASHPPVEGSYAPRRGEFCIAKFVDGEWYRARVEKVESPAK
IHVFYIDYGNREVLPSTRLGTLSPAFSTRVLPAQATEYAFAFIQVPQDDDARTDAVDSVVRDIQNTQCLLNVEHLSAGCP
HVTLQFADSKGDVGLGLVKEGLVMVEVRKEKQFQKVITEYLNAQESAKSARLNLWRY
;
A
2 'polypeptide(L)'
;TQFEKLMENMRNDIASHPPVEGSYAPRRGEFCIAKFVDGEWYRARVEKVESPAKIHVFYIDYGNREVLPSTRLGTLSPAF
STRVLPAQATE
;
B
#
# COMPACT_ATOMS: atom_id res chain seq x y z
N SER A 1 -0.79 18.48 -3.76
CA SER A 1 0.17 17.68 -2.92
C SER A 1 1.18 16.91 -3.76
N ALA A 2 2.46 17.09 -3.45
CA ALA A 2 3.52 16.55 -4.29
C ALA A 2 4.79 16.27 -3.52
N SER A 3 4.94 15.02 -3.06
CA SER A 3 6.17 14.55 -2.47
C SER A 3 6.48 13.24 -3.17
N TYR A 4 7.40 13.26 -4.12
CA TYR A 4 7.71 12.05 -4.88
C TYR A 4 8.81 11.25 -4.21
N LYS A 5 8.53 9.99 -3.94
CA LYS A 5 9.52 9.12 -3.34
C LYS A 5 9.97 8.05 -4.33
N PRO A 6 11.28 7.87 -4.53
CA PRO A 6 11.76 6.77 -5.34
C PRO A 6 11.43 5.41 -4.70
N VAL A 7 10.78 4.53 -5.46
CA VAL A 7 10.43 3.21 -4.97
C VAL A 7 10.87 2.17 -5.99
N PHE A 8 11.02 0.92 -5.55
CA PHE A 8 11.28 -0.16 -6.48
C PHE A 8 9.99 -0.98 -6.49
N VAL A 9 9.34 -1.06 -7.62
CA VAL A 9 8.06 -1.77 -7.73
C VAL A 9 8.41 -3.25 -7.90
N THR A 10 7.91 -4.10 -7.01
CA THR A 10 8.29 -5.53 -6.99
C THR A 10 7.24 -6.52 -7.48
N GLU A 11 5.98 -6.13 -7.49
CA GLU A 11 4.89 -7.07 -7.75
C GLU A 11 3.61 -6.34 -8.12
N ILE A 12 3.01 -6.74 -9.23
CA ILE A 12 1.70 -6.24 -9.62
C ILE A 12 0.73 -7.37 -9.38
N THR A 13 -0.32 -7.12 -8.62
CA THR A 13 -1.24 -8.19 -8.29
C THR A 13 -2.33 -8.31 -9.35
N ASP A 14 -3.03 -9.44 -9.39
CA ASP A 14 -4.08 -9.61 -10.38
C ASP A 14 -5.27 -8.66 -10.20
N ASP A 15 -5.35 -8.02 -9.04
CA ASP A 15 -6.38 -7.03 -8.78
C ASP A 15 -5.88 -5.61 -9.05
N LEU A 16 -4.77 -5.51 -9.76
CA LEU A 16 -4.18 -4.23 -10.14
C LEU A 16 -3.81 -3.39 -8.92
N HIS A 17 -3.39 -4.06 -7.85
CA HIS A 17 -2.65 -3.38 -6.78
C HIS A 17 -1.19 -3.66 -7.05
N PHE A 18 -0.30 -3.06 -6.27
CA PHE A 18 1.12 -3.35 -6.44
C PHE A 18 1.85 -3.14 -5.16
N TYR A 19 3.00 -3.80 -5.06
CA TYR A 19 3.85 -3.67 -3.93
C TYR A 19 5.14 -2.94 -4.31
N VAL A 20 5.63 -2.10 -3.41
CA VAL A 20 6.85 -1.32 -3.69
C VAL A 20 7.77 -1.41 -2.50
N GLN A 21 9.05 -1.19 -2.77
CA GLN A 21 10.04 -1.07 -1.71
C GLN A 21 10.59 0.34 -1.73
N ASP A 22 10.91 0.86 -0.55
CA ASP A 22 11.55 2.16 -0.41
C ASP A 22 13.01 2.02 -0.79
N VAL A 23 13.39 2.72 -1.86
CA VAL A 23 14.75 2.69 -2.36
C VAL A 23 15.79 2.98 -1.25
N GLU A 24 15.43 3.86 -0.33
CA GLU A 24 16.31 4.22 0.81
C GLU A 24 16.85 3.00 1.56
N THR A 25 16.00 2.01 1.83
CA THR A 25 16.41 0.87 2.64
C THR A 25 16.88 -0.34 1.81
N GLY A 26 17.07 -0.12 0.52
CA GLY A 26 17.38 -1.20 -0.40
C GLY A 26 18.66 -1.94 -0.06
N THR A 27 19.68 -1.19 0.33
CA THR A 27 20.98 -1.78 0.63
C THR A 27 20.95 -2.58 1.94
N GLN A 28 20.19 -2.11 2.94
CA GLN A 28 20.03 -2.87 4.17
C GLN A 28 19.35 -4.20 3.86
N PHE A 29 18.34 -4.14 3.01
CA PHE A 29 17.66 -5.34 2.58
C PHE A 29 18.65 -6.31 1.89
N GLU A 30 19.40 -5.78 0.94
CA GLU A 30 20.45 -6.56 0.24
C GLU A 30 21.40 -7.26 1.23
N LYS A 31 21.86 -6.52 2.24
CA LYS A 31 22.79 -7.06 3.22
C LYS A 31 22.15 -8.21 4.01
N LEU A 32 20.92 -7.98 4.47
CA LEU A 32 20.18 -8.98 5.24
C LEU A 32 19.99 -10.28 4.48
N MET A 33 19.60 -10.17 3.21
CA MET A 33 19.36 -11.34 2.37
C MET A 33 20.61 -12.20 2.19
N GLU A 34 21.75 -11.55 2.00
CA GLU A 34 23.00 -12.27 1.82
C GLU A 34 23.41 -12.95 3.13
N ASN A 35 23.30 -12.21 4.24
CA ASN A 35 23.55 -12.75 5.56
C ASN A 35 22.65 -13.96 5.82
N MET A 36 21.37 -13.80 5.55
CA MET A 36 20.38 -14.83 5.83
C MET A 36 20.63 -16.06 4.98
N ARG A 37 20.93 -15.85 3.71
CA ARG A 37 21.12 -16.96 2.79
C ARG A 37 22.37 -17.79 3.10
N ASN A 38 23.42 -17.11 3.53
CA ASN A 38 24.62 -17.76 4.07
C ASN A 38 24.30 -18.66 5.26
N ASP A 39 23.59 -18.11 6.24
CA ASP A 39 23.15 -18.88 7.40
C ASP A 39 22.43 -20.15 6.96
N ILE A 40 21.38 -19.98 6.16
CA ILE A 40 20.53 -21.08 5.69
C ILE A 40 21.34 -22.18 5.00
N ALA A 41 22.40 -21.78 4.29
CA ALA A 41 23.26 -22.72 3.59
C ALA A 41 24.11 -23.54 4.55
N SER A 42 24.48 -22.92 5.68
CA SER A 42 25.24 -23.58 6.73
C SER A 42 24.34 -24.38 7.66
N HIS A 43 23.12 -23.90 7.90
CA HIS A 43 22.18 -24.53 8.81
C HIS A 43 20.82 -24.78 8.13
N PRO A 44 20.77 -25.72 7.17
CA PRO A 44 19.54 -25.97 6.44
C PRO A 44 18.40 -26.45 7.34
N PRO A 45 17.19 -25.89 7.19
CA PRO A 45 16.06 -26.33 8.00
C PRO A 45 15.89 -27.85 7.96
N VAL A 46 15.71 -28.46 9.12
CA VAL A 46 15.50 -29.90 9.22
C VAL A 46 14.02 -30.18 9.43
N GLU A 47 13.50 -31.20 8.76
CA GLU A 47 12.09 -31.54 8.94
C GLU A 47 11.88 -32.42 10.18
N GLY A 48 10.92 -32.04 11.02
CA GLY A 48 10.14 -30.82 10.82
C GLY A 48 10.28 -29.89 12.00
N SER A 49 11.40 -29.18 12.05
CA SER A 49 11.64 -28.18 13.08
C SER A 49 10.72 -26.97 12.93
N TYR A 50 9.99 -26.92 11.83
CA TYR A 50 9.04 -25.84 11.61
C TYR A 50 7.61 -26.36 11.46
N ALA A 51 6.69 -25.80 12.24
CA ALA A 51 5.28 -26.13 12.13
C ALA A 51 4.49 -24.91 11.69
N PRO A 52 4.01 -24.90 10.44
CA PRO A 52 3.30 -23.78 9.84
C PRO A 52 1.96 -23.50 10.51
N ARG A 53 1.77 -22.25 10.92
CA ARG A 53 0.48 -21.79 11.45
C ARG A 53 0.17 -20.48 10.75
N ARG A 54 -1.09 -20.24 10.40
CA ARG A 54 -1.49 -18.94 9.87
C ARG A 54 -0.93 -17.82 10.75
N GLY A 55 -0.33 -16.81 10.11
CA GLY A 55 0.21 -15.65 10.82
C GLY A 55 1.68 -15.72 11.17
N GLU A 56 2.27 -16.91 11.06
CA GLU A 56 3.61 -17.16 11.54
C GLU A 56 4.64 -16.80 10.45
N PHE A 57 5.74 -16.16 10.84
CA PHE A 57 6.83 -15.87 9.90
C PHE A 57 7.66 -17.13 9.61
N CYS A 58 8.46 -17.07 8.56
CA CYS A 58 9.21 -18.23 8.08
C CYS A 58 10.18 -17.79 7.01
N ILE A 59 11.04 -18.71 6.60
CA ILE A 59 11.75 -18.57 5.34
C ILE A 59 11.06 -19.50 4.36
N ALA A 60 11.05 -19.11 3.09
CA ALA A 60 10.44 -19.90 2.04
C ALA A 60 11.39 -19.93 0.84
N LYS A 61 11.49 -21.10 0.21
CA LYS A 61 12.41 -21.30 -0.90
C LYS A 61 11.62 -21.12 -2.19
N PHE A 62 11.94 -20.04 -2.90
CA PHE A 62 11.20 -19.57 -4.07
C PHE A 62 11.63 -20.35 -5.32
N VAL A 63 10.99 -20.08 -6.44
CA VAL A 63 11.18 -20.85 -7.67
C VAL A 63 12.54 -20.66 -8.36
N ASP A 64 13.33 -19.72 -7.83
CA ASP A 64 14.69 -19.50 -8.29
C ASP A 64 15.66 -20.34 -7.45
N GLY A 65 15.10 -21.09 -6.51
CA GLY A 65 15.91 -21.93 -5.65
C GLY A 65 16.52 -21.17 -4.51
N GLU A 66 16.16 -19.90 -4.34
CA GLU A 66 16.70 -19.10 -3.25
C GLU A 66 15.67 -18.86 -2.16
N TRP A 67 16.17 -18.56 -0.96
CA TRP A 67 15.33 -18.40 0.21
C TRP A 67 15.03 -16.92 0.47
N TYR A 68 13.82 -16.67 0.95
CA TYR A 68 13.34 -15.32 1.20
C TYR A 68 12.52 -15.30 2.51
N ARG A 69 12.33 -14.14 3.12
CA ARG A 69 11.44 -14.03 4.27
C ARG A 69 9.98 -14.09 3.84
N ALA A 70 9.17 -14.78 4.64
CA ALA A 70 7.76 -14.96 4.29
C ALA A 70 6.90 -15.06 5.54
N ARG A 71 5.59 -15.05 5.31
CA ARG A 71 4.65 -15.19 6.40
C ARG A 71 3.54 -16.14 5.94
N VAL A 72 3.17 -17.06 6.82
CA VAL A 72 2.17 -18.06 6.49
C VAL A 72 0.76 -17.48 6.51
N GLU A 73 0.02 -17.76 5.44
CA GLU A 73 -1.39 -17.43 5.35
C GLU A 73 -2.19 -18.76 5.51
N LYS A 74 -2.95 -19.18 4.52
CA LYS A 74 -3.71 -20.44 4.64
C LYS A 74 -2.81 -21.69 4.74
N VAL A 75 -3.09 -22.57 5.70
CA VAL A 75 -2.50 -23.91 5.66
C VAL A 75 -3.55 -24.90 5.17
N GLU A 76 -3.38 -25.41 3.95
CA GLU A 76 -4.31 -26.41 3.41
C GLU A 76 -3.94 -27.81 3.94
N SER A 77 -2.66 -28.13 3.86
CA SER A 77 -2.10 -29.43 4.23
C SER A 77 -0.60 -29.23 4.30
N PRO A 78 0.18 -30.22 4.80
CA PRO A 78 1.64 -30.03 4.75
C PRO A 78 2.20 -29.85 3.34
N ALA A 79 1.44 -30.26 2.32
CA ALA A 79 1.89 -30.14 0.94
C ALA A 79 1.50 -28.80 0.32
N LYS A 80 0.60 -28.08 0.99
CA LYS A 80 -0.01 -26.88 0.42
C LYS A 80 -0.16 -25.79 1.49
N ILE A 81 0.90 -25.03 1.68
CA ILE A 81 0.90 -23.91 2.61
C ILE A 81 0.99 -22.59 1.86
N HIS A 82 0.02 -21.71 2.07
CA HIS A 82 -0.02 -20.43 1.35
C HIS A 82 0.88 -19.48 2.08
N VAL A 83 1.86 -18.90 1.38
CA VAL A 83 2.75 -17.92 2.02
C VAL A 83 2.77 -16.59 1.27
N PHE A 84 3.20 -15.55 1.97
CA PHE A 84 3.31 -14.20 1.46
C PHE A 84 4.76 -13.77 1.67
N TYR A 85 5.43 -13.38 0.58
CA TYR A 85 6.83 -12.96 0.64
C TYR A 85 6.84 -11.50 1.12
N ILE A 86 7.19 -11.30 2.38
CA ILE A 86 7.00 -10.01 3.07
C ILE A 86 7.84 -8.84 2.52
N ASP A 87 8.94 -9.14 1.85
CA ASP A 87 9.76 -8.07 1.33
C ASP A 87 9.47 -7.73 -0.12
N TYR A 88 8.64 -8.53 -0.78
CA TYR A 88 8.44 -8.40 -2.23
C TYR A 88 6.96 -8.32 -2.63
N GLY A 89 6.11 -9.01 -1.88
CA GLY A 89 4.68 -8.90 -2.11
C GLY A 89 3.99 -10.04 -2.85
N ASN A 90 4.77 -10.94 -3.47
CA ASN A 90 4.15 -12.06 -4.15
C ASN A 90 3.72 -13.13 -3.17
N ARG A 91 2.84 -14.01 -3.62
CA ARG A 91 2.37 -15.11 -2.81
C ARG A 91 2.60 -16.43 -3.55
N GLU A 92 2.63 -17.52 -2.80
CA GLU A 92 2.95 -18.81 -3.36
C GLU A 92 2.37 -19.89 -2.47
N VAL A 93 1.97 -21.01 -3.06
CA VAL A 93 1.58 -22.20 -2.31
C VAL A 93 2.73 -23.19 -2.42
N LEU A 94 3.30 -23.56 -1.28
CA LEU A 94 4.41 -24.51 -1.27
C LEU A 94 4.29 -25.57 -0.18
N PRO A 95 5.03 -26.69 -0.36
CA PRO A 95 5.08 -27.73 0.65
C PRO A 95 5.93 -27.29 1.83
N SER A 96 5.67 -27.89 2.99
CA SER A 96 6.35 -27.54 4.21
C SER A 96 7.85 -27.83 4.12
N THR A 97 8.24 -28.70 3.19
CA THR A 97 9.65 -28.98 2.94
C THR A 97 10.37 -27.82 2.24
N ARG A 98 9.62 -26.83 1.78
CA ARG A 98 10.24 -25.60 1.20
C ARG A 98 10.13 -24.40 2.14
N LEU A 99 9.78 -24.69 3.39
CA LEU A 99 9.68 -23.67 4.43
C LEU A 99 10.67 -23.99 5.54
N GLY A 100 10.97 -22.98 6.35
CA GLY A 100 11.89 -23.12 7.46
C GLY A 100 11.62 -22.08 8.52
N THR A 101 12.31 -22.20 9.65
CA THR A 101 12.20 -21.20 10.72
C THR A 101 12.90 -19.91 10.31
N LEU A 102 12.25 -18.76 10.53
CA LEU A 102 12.93 -17.47 10.38
C LEU A 102 13.64 -17.13 11.69
N SER A 103 14.97 -17.21 11.67
CA SER A 103 15.74 -17.03 12.88
C SER A 103 15.79 -15.54 13.27
N PRO A 104 15.80 -15.26 14.59
CA PRO A 104 15.65 -13.89 15.10
C PRO A 104 16.65 -12.87 14.55
N ALA A 105 17.80 -13.34 14.07
CA ALA A 105 18.80 -12.44 13.51
C ALA A 105 18.31 -11.76 12.21
N PHE A 106 17.30 -12.36 11.57
CA PHE A 106 16.80 -11.85 10.30
C PHE A 106 15.32 -11.50 10.39
N SER A 107 14.86 -11.20 11.61
CA SER A 107 13.45 -11.00 11.87
C SER A 107 12.99 -9.63 11.43
N THR A 108 11.68 -9.42 11.50
CA THR A 108 11.06 -8.14 11.20
C THR A 108 11.46 -7.05 12.21
N ARG A 109 11.92 -7.45 13.39
CA ARG A 109 12.44 -6.49 14.36
C ARG A 109 13.80 -5.93 13.94
N VAL A 110 14.63 -6.78 13.33
CA VAL A 110 15.91 -6.36 12.77
C VAL A 110 15.70 -5.46 11.55
N LEU A 111 14.83 -5.88 10.65
CA LEU A 111 14.48 -5.08 9.48
C LEU A 111 13.04 -5.36 9.13
N PRO A 112 12.19 -4.32 9.15
CA PRO A 112 10.76 -4.45 8.86
C PRO A 112 10.48 -4.99 7.46
N ALA A 113 9.33 -5.63 7.30
CA ALA A 113 8.87 -6.07 5.99
C ALA A 113 9.04 -4.91 5.01
N GLN A 114 9.65 -5.21 3.87
CA GLN A 114 10.10 -4.15 2.97
C GLN A 114 9.10 -3.77 1.90
N ALA A 115 8.08 -4.60 1.70
CA ALA A 115 7.07 -4.30 0.69
C ALA A 115 5.84 -3.59 1.30
N THR A 116 5.37 -2.57 0.60
CA THR A 116 4.12 -1.88 0.96
C THR A 116 3.14 -1.98 -0.21
N GLU A 117 1.88 -2.28 0.08
CA GLU A 117 0.83 -2.38 -0.94
C GLU A 117 0.20 -1.02 -1.24
N TYR A 118 0.02 -0.72 -2.52
CA TYR A 118 -0.69 0.48 -2.97
C TYR A 118 -1.60 0.16 -4.12
N ALA A 119 -2.50 1.10 -4.41
CA ALA A 119 -3.38 1.04 -5.55
C ALA A 119 -3.21 2.33 -6.35
N PHE A 120 -3.59 2.33 -7.62
CA PHE A 120 -3.57 3.55 -8.44
C PHE A 120 -4.72 4.50 -8.11
N ALA A 121 -4.39 5.77 -7.89
CA ALA A 121 -5.40 6.80 -7.70
C ALA A 121 -6.07 7.10 -9.02
N PHE A 122 -7.34 7.47 -8.96
CA PHE A 122 -8.05 8.11 -10.06
C PHE A 122 -8.51 7.17 -11.16
N ILE A 123 -8.35 5.86 -10.95
CA ILE A 123 -8.77 4.92 -11.96
C ILE A 123 -9.60 3.80 -11.36
N GLN A 124 -10.43 3.19 -12.21
CA GLN A 124 -11.22 2.02 -11.84
C GLN A 124 -10.55 0.73 -12.31
N VAL A 125 -10.42 -0.24 -11.41
CA VAL A 125 -9.89 -1.56 -11.79
C VAL A 125 -11.02 -2.25 -12.58
N PRO A 126 -10.74 -2.69 -13.83
CA PRO A 126 -11.79 -3.34 -14.61
C PRO A 126 -12.39 -4.55 -13.88
N GLN A 127 -13.70 -4.71 -13.93
CA GLN A 127 -14.35 -5.83 -13.25
C GLN A 127 -14.25 -7.13 -14.05
N ASP A 128 -14.27 -7.02 -15.37
CA ASP A 128 -14.10 -8.19 -16.21
C ASP A 128 -12.70 -8.75 -16.08
N ASP A 129 -12.59 -10.05 -15.83
CA ASP A 129 -11.31 -10.72 -15.66
C ASP A 129 -10.38 -10.54 -16.85
N ASP A 130 -10.92 -10.59 -18.06
CA ASP A 130 -10.10 -10.42 -19.28
C ASP A 130 -9.55 -8.99 -19.43
N ALA A 131 -10.40 -7.99 -19.30
CA ALA A 131 -9.98 -6.59 -19.28
C ALA A 131 -8.92 -6.29 -18.22
N ARG A 132 -9.13 -6.83 -17.01
CA ARG A 132 -8.22 -6.60 -15.89
C ARG A 132 -6.86 -7.25 -16.16
N THR A 133 -6.87 -8.47 -16.68
CA THR A 133 -5.62 -9.12 -17.10
C THR A 133 -4.84 -8.25 -18.11
N ASP A 134 -5.53 -7.66 -19.07
CA ASP A 134 -4.88 -6.76 -20.03
C ASP A 134 -4.23 -5.54 -19.35
N ALA A 135 -4.91 -4.97 -18.35
CA ALA A 135 -4.35 -3.82 -17.61
C ALA A 135 -3.13 -4.22 -16.78
N VAL A 136 -3.27 -5.30 -16.00
CA VAL A 136 -2.15 -5.86 -15.23
C VAL A 136 -0.93 -6.17 -16.11
N ASP A 137 -1.18 -6.79 -17.26
CA ASP A 137 -0.09 -7.13 -18.21
C ASP A 137 0.69 -5.91 -18.69
N SER A 138 -0.02 -4.81 -18.98
CA SER A 138 0.60 -3.54 -19.35
C SER A 138 1.49 -2.98 -18.24
N VAL A 139 0.99 -3.01 -17.01
CA VAL A 139 1.75 -2.54 -15.85
C VAL A 139 2.95 -3.44 -15.56
N VAL A 140 2.76 -4.76 -15.65
CA VAL A 140 3.87 -5.69 -15.43
C VAL A 140 5.00 -5.43 -16.44
N ARG A 141 4.63 -5.29 -17.71
CA ARG A 141 5.59 -5.03 -18.78
C ARG A 141 6.36 -3.72 -18.56
N ASP A 142 5.66 -2.68 -18.13
CA ASP A 142 6.25 -1.35 -18.05
C ASP A 142 6.95 -0.99 -16.75
N ILE A 143 6.49 -1.50 -15.61
CA ILE A 143 7.09 -1.07 -14.36
C ILE A 143 7.53 -2.17 -13.38
N GLN A 144 7.08 -3.41 -13.58
CA GLN A 144 7.40 -4.44 -12.58
C GLN A 144 8.89 -4.65 -12.52
N ASN A 145 9.42 -4.70 -11.29
CA ASN A 145 10.84 -4.86 -11.03
C ASN A 145 11.65 -3.73 -11.66
N THR A 146 11.12 -2.50 -11.52
CA THR A 146 11.84 -1.29 -11.92
C THR A 146 11.68 -0.17 -10.87
N GLN A 147 12.55 0.84 -10.96
CA GLN A 147 12.41 2.00 -10.09
C GLN A 147 11.45 3.04 -10.68
N CYS A 148 10.59 3.59 -9.82
CA CYS A 148 9.55 4.56 -10.16
C CYS A 148 9.57 5.65 -9.10
N LEU A 149 8.83 6.72 -9.33
CA LEU A 149 8.55 7.71 -8.30
C LEU A 149 7.09 7.58 -7.89
N LEU A 150 6.83 7.67 -6.59
CA LEU A 150 5.52 7.45 -6.04
C LEU A 150 5.07 8.69 -5.28
N ASN A 151 3.81 9.05 -5.45
CA ASN A 151 3.21 10.17 -4.74
C ASN A 151 1.90 9.72 -4.11
N VAL A 152 1.79 9.76 -2.78
CA VAL A 152 0.56 9.34 -2.13
C VAL A 152 -0.56 10.38 -2.33
N GLU A 153 -1.68 9.95 -2.90
CA GLU A 153 -2.79 10.84 -3.20
C GLU A 153 -3.84 10.90 -2.08
N HIS A 154 -4.23 9.75 -1.53
CA HIS A 154 -5.19 9.73 -0.43
C HIS A 154 -5.35 8.35 0.22
N LEU A 155 -5.89 8.35 1.43
CA LEU A 155 -6.31 7.12 2.11
C LEU A 155 -7.55 6.50 1.48
N SER A 156 -7.73 5.21 1.70
CA SER A 156 -8.90 4.49 1.22
C SER A 156 -9.18 3.34 2.19
N ALA A 157 -10.31 2.67 2.03
CA ALA A 157 -10.69 1.58 2.94
C ALA A 157 -9.58 0.52 3.01
N GLY A 158 -8.96 0.21 1.87
CA GLY A 158 -7.85 -0.73 1.84
C GLY A 158 -6.53 0.03 1.89
N CYS A 159 -5.65 -0.25 0.94
CA CYS A 159 -4.37 0.46 0.91
C CYS A 159 -4.51 1.85 0.29
N PRO A 160 -3.56 2.73 0.57
CA PRO A 160 -3.63 4.07 0.02
C PRO A 160 -3.56 4.09 -1.50
N HIS A 161 -4.14 5.13 -2.09
CA HIS A 161 -4.12 5.35 -3.53
C HIS A 161 -3.03 6.35 -3.89
N VAL A 162 -2.29 6.04 -4.95
CA VAL A 162 -1.07 6.78 -5.27
C VAL A 162 -0.99 6.99 -6.79
N THR A 163 -0.13 7.91 -7.19
CA THR A 163 0.25 7.97 -8.59
C THR A 163 1.68 7.51 -8.67
N LEU A 164 2.02 6.89 -9.79
CA LEU A 164 3.39 6.52 -10.08
C LEU A 164 3.86 7.29 -11.29
N GLN A 165 5.15 7.66 -11.27
CA GLN A 165 5.80 8.27 -12.42
C GLN A 165 6.88 7.33 -12.94
N PHE A 166 6.92 7.16 -14.25
CA PHE A 166 7.97 6.39 -14.91
C PHE A 166 9.30 7.07 -14.65
N ALA A 167 10.38 6.30 -14.71
CA ALA A 167 11.71 6.89 -14.78
C ALA A 167 11.88 7.66 -16.10
N ASP A 168 12.86 8.56 -16.13
CA ASP A 168 13.19 9.28 -17.35
C ASP A 168 12.04 10.16 -17.84
N SER A 169 11.38 10.81 -16.87
CA SER A 169 10.19 11.64 -17.11
C SER A 169 9.20 11.17 -18.19
N LYS A 170 8.97 9.86 -18.30
CA LYS A 170 8.00 9.37 -19.30
C LYS A 170 6.55 9.60 -18.87
N GLY A 171 6.33 10.00 -17.63
CA GLY A 171 4.98 10.38 -17.22
C GLY A 171 4.28 9.50 -16.21
N ASP A 172 2.98 9.76 -16.09
CA ASP A 172 2.11 9.20 -15.08
C ASP A 172 1.65 7.84 -15.57
N VAL A 173 1.93 6.80 -14.79
CA VAL A 173 1.67 5.40 -15.18
C VAL A 173 0.18 5.11 -15.31
N GLY A 174 -0.58 5.51 -14.29
CA GLY A 174 -2.03 5.30 -14.31
C GLY A 174 -2.70 6.06 -15.44
N LEU A 175 -2.26 7.29 -15.65
CA LEU A 175 -2.76 8.10 -16.75
C LEU A 175 -2.50 7.41 -18.08
N GLY A 176 -1.34 6.78 -18.20
CA GLY A 176 -1.00 6.03 -19.42
C GLY A 176 -1.96 4.88 -19.68
N LEU A 177 -2.38 4.20 -18.61
CA LEU A 177 -3.40 3.16 -18.76
C LEU A 177 -4.71 3.73 -19.27
N VAL A 178 -5.10 4.89 -18.74
CA VAL A 178 -6.28 5.59 -19.24
C VAL A 178 -6.17 5.95 -20.73
N LYS A 179 -5.03 6.51 -21.12
CA LYS A 179 -4.83 6.97 -22.49
C LYS A 179 -4.89 5.80 -23.47
N GLU A 180 -4.54 4.63 -22.98
CA GLU A 180 -4.53 3.42 -23.81
C GLU A 180 -5.87 2.69 -23.84
N GLY A 181 -6.85 3.20 -23.11
CA GLY A 181 -8.16 2.56 -23.00
C GLY A 181 -8.18 1.28 -22.18
N LEU A 182 -7.18 1.08 -21.33
CA LEU A 182 -7.09 -0.16 -20.54
C LEU A 182 -7.84 -0.09 -19.21
N VAL A 183 -8.07 1.12 -18.72
CA VAL A 183 -8.85 1.36 -17.48
C VAL A 183 -9.72 2.58 -17.67
N MET A 184 -10.81 2.67 -16.89
CA MET A 184 -11.68 3.86 -16.84
C MET A 184 -11.25 4.77 -15.69
N VAL A 185 -11.69 6.02 -15.74
CA VAL A 185 -11.36 7.02 -14.73
C VAL A 185 -12.34 6.94 -13.56
N GLU A 186 -11.80 7.03 -12.34
CA GLU A 186 -12.61 7.21 -11.15
C GLU A 186 -12.76 8.70 -10.87
N VAL A 187 -13.96 9.22 -11.06
CA VAL A 187 -14.18 10.66 -10.93
C VAL A 187 -14.29 11.08 -9.46
N ARG A 188 -13.15 11.47 -8.88
CA ARG A 188 -13.08 11.99 -7.52
C ARG A 188 -13.76 13.36 -7.43
N LYS A 189 -14.41 13.62 -6.28
CA LYS A 189 -15.18 14.85 -6.09
C LYS A 189 -14.44 15.90 -5.25
N GLU A 190 -13.43 15.49 -4.50
CA GLU A 190 -12.65 16.40 -3.66
C GLU A 190 -12.05 17.55 -4.49
N LYS A 191 -11.97 18.72 -3.87
CA LYS A 191 -11.56 19.95 -4.57
C LYS A 191 -10.16 19.87 -5.13
N GLN A 192 -9.22 19.35 -4.35
CA GLN A 192 -7.83 19.40 -4.76
C GLN A 192 -7.53 18.42 -5.90
N PHE A 193 -8.47 17.53 -6.18
CA PHE A 193 -8.31 16.59 -7.30
C PHE A 193 -8.99 17.07 -8.58
N GLN A 194 -9.59 18.25 -8.55
CA GLN A 194 -10.36 18.73 -9.71
C GLN A 194 -9.50 18.81 -10.98
N LYS A 195 -8.30 19.38 -10.86
CA LYS A 195 -7.44 19.54 -12.03
C LYS A 195 -6.89 18.20 -12.58
N VAL A 196 -6.50 17.30 -11.69
CA VAL A 196 -5.98 16.01 -12.16
C VAL A 196 -7.09 15.16 -12.76
N ILE A 197 -8.28 15.22 -12.18
CA ILE A 197 -9.41 14.48 -12.71
C ILE A 197 -9.78 14.97 -14.10
N THR A 198 -9.71 16.29 -14.31
CA THR A 198 -9.92 16.86 -15.64
C THR A 198 -8.90 16.29 -16.65
N GLU A 199 -7.64 16.18 -16.24
CA GLU A 199 -6.59 15.63 -17.08
C GLU A 199 -6.89 14.16 -17.46
N TYR A 200 -7.30 13.38 -16.48
CA TYR A 200 -7.64 11.97 -16.69
C TYR A 200 -8.85 11.79 -17.61
N LEU A 201 -9.94 12.53 -17.34
CA LEU A 201 -11.12 12.48 -18.20
C LEU A 201 -10.83 12.88 -19.66
N ASN A 202 -9.96 13.86 -19.86
CA ASN A 202 -9.53 14.20 -21.21
C ASN A 202 -8.80 13.05 -21.91
N ALA A 203 -7.93 12.38 -21.17
CA ALA A 203 -7.20 11.23 -21.70
C ALA A 203 -8.18 10.12 -22.07
N GLN A 204 -9.21 9.96 -21.24
CA GLN A 204 -10.20 8.93 -21.44
C GLN A 204 -11.05 9.22 -22.67
N GLU A 205 -11.36 10.51 -22.90
CA GLU A 205 -12.06 10.90 -24.13
C GLU A 205 -11.19 10.57 -25.35
N SER A 206 -9.88 10.78 -25.23
CA SER A 206 -8.94 10.44 -26.31
C SER A 206 -8.93 8.94 -26.62
N ALA A 207 -8.90 8.11 -25.58
CA ALA A 207 -8.96 6.65 -25.78
C ALA A 207 -10.28 6.22 -26.42
N LYS A 208 -11.38 6.82 -25.96
CA LYS A 208 -12.69 6.52 -26.52
C LYS A 208 -12.75 6.82 -28.03
N SER A 209 -12.27 7.99 -28.43
CA SER A 209 -12.26 8.40 -29.84
C SER A 209 -11.43 7.47 -30.70
N ALA A 210 -10.29 7.06 -30.15
CA ALA A 210 -9.39 6.16 -30.85
C ALA A 210 -9.89 4.71 -30.79
N ARG A 211 -10.96 4.49 -30.03
CA ARG A 211 -11.55 3.16 -29.88
C ARG A 211 -10.56 2.09 -29.41
N LEU A 212 -9.78 2.43 -28.38
CA LEU A 212 -8.75 1.54 -27.88
C LEU A 212 -9.26 0.63 -26.76
N ASN A 213 -8.84 -0.63 -26.83
CA ASN A 213 -9.06 -1.61 -25.76
C ASN A 213 -10.48 -1.68 -25.19
N LEU A 214 -10.72 -1.14 -23.99
CA LEU A 214 -12.07 -1.11 -23.42
C LEU A 214 -13.09 -0.45 -24.37
N TRP A 215 -12.62 0.44 -25.23
CA TRP A 215 -13.52 1.23 -26.09
C TRP A 215 -13.59 0.68 -27.51
N ARG A 216 -13.03 -0.51 -27.71
CA ARG A 216 -12.98 -1.18 -29.01
C ARG A 216 -14.34 -1.23 -29.71
N TYR A 217 -15.40 -1.47 -28.95
CA TYR A 217 -16.74 -1.63 -29.51
C TYR A 217 -17.73 -0.58 -29.00
N THR B 1 -21.43 9.66 0.08
CA THR B 1 -21.67 8.94 1.37
C THR B 1 -21.63 9.88 2.58
N GLN B 2 -22.00 9.35 3.74
CA GLN B 2 -21.99 10.12 4.97
C GLN B 2 -20.55 10.55 5.26
N PHE B 3 -19.65 9.63 4.98
CA PHE B 3 -18.23 9.79 5.22
C PHE B 3 -17.62 10.88 4.34
N GLU B 4 -17.93 10.83 3.05
CA GLU B 4 -17.46 11.85 2.11
C GLU B 4 -17.96 13.24 2.49
N LYS B 5 -19.25 13.33 2.84
CA LYS B 5 -19.86 14.57 3.34
C LYS B 5 -19.16 15.09 4.60
N LEU B 6 -18.99 14.21 5.59
CA LEU B 6 -18.27 14.58 6.82
C LEU B 6 -16.85 15.09 6.52
N MET B 7 -16.13 14.38 5.66
CA MET B 7 -14.76 14.76 5.34
C MET B 7 -14.73 16.16 4.68
N GLU B 8 -15.66 16.42 3.76
CA GLU B 8 -15.76 17.72 3.10
C GLU B 8 -16.01 18.82 4.14
N ASN B 9 -17.01 18.62 4.98
CA ASN B 9 -17.31 19.56 6.05
C ASN B 9 -16.12 19.81 7.01
N MET B 10 -15.47 18.73 7.45
CA MET B 10 -14.35 18.83 8.38
C MET B 10 -13.17 19.59 7.78
N ARG B 11 -12.80 19.23 6.55
CA ARG B 11 -11.72 19.90 5.82
C ARG B 11 -12.00 21.39 5.66
N ASN B 12 -13.22 21.72 5.27
CA ASN B 12 -13.65 23.13 5.19
C ASN B 12 -13.37 23.85 6.49
N ASP B 13 -13.76 23.23 7.60
CA ASP B 13 -13.64 23.80 8.93
C ASP B 13 -12.18 23.99 9.35
N ILE B 14 -11.35 23.00 9.04
CA ILE B 14 -9.93 23.05 9.39
C ILE B 14 -9.21 24.15 8.60
N ALA B 15 -9.60 24.33 7.35
CA ALA B 15 -8.97 25.34 6.48
C ALA B 15 -9.45 26.74 6.86
N SER B 16 -10.56 26.79 7.60
CA SER B 16 -11.08 28.04 8.12
C SER B 16 -10.66 28.25 9.58
N HIS B 17 -10.23 27.18 10.24
CA HIS B 17 -9.77 27.24 11.63
C HIS B 17 -8.60 26.28 11.87
N PRO B 18 -7.44 26.56 11.26
CA PRO B 18 -6.29 25.66 11.38
C PRO B 18 -5.83 25.46 12.82
N PRO B 19 -5.47 24.22 13.18
CA PRO B 19 -5.00 23.92 14.53
C PRO B 19 -3.66 24.59 14.84
N TYR B 24 -2.19 20.83 20.91
CA TYR B 24 -2.86 19.52 21.12
C TYR B 24 -1.95 18.60 21.94
N ALA B 25 -2.52 17.96 22.96
CA ALA B 25 -1.75 17.04 23.79
C ALA B 25 -2.23 15.59 23.66
N PRO B 26 -1.45 14.77 22.93
CA PRO B 26 -1.79 13.37 22.63
C PRO B 26 -1.83 12.44 23.84
N ARG B 27 -2.93 11.72 23.99
CA ARG B 27 -3.02 10.74 25.06
C ARG B 27 -3.64 9.47 24.50
N ARG B 28 -3.21 8.32 25.02
CA ARG B 28 -3.78 7.04 24.60
C ARG B 28 -5.29 7.10 24.67
N GLY B 29 -5.94 6.71 23.58
CA GLY B 29 -7.38 6.63 23.53
C GLY B 29 -8.05 7.91 23.06
N GLU B 30 -7.31 9.03 23.07
CA GLU B 30 -7.86 10.32 22.69
C GLU B 30 -8.10 10.45 21.19
N PHE B 31 -9.25 11.03 20.83
CA PHE B 31 -9.54 11.36 19.44
C PHE B 31 -8.83 12.63 19.01
N CYS B 32 -8.52 12.71 17.71
CA CYS B 32 -7.85 13.86 17.17
C CYS B 32 -8.10 13.94 15.68
N ILE B 33 -7.54 14.96 15.04
CA ILE B 33 -7.35 14.91 13.61
C ILE B 33 -5.85 14.71 13.40
N ALA B 34 -5.51 14.01 12.31
CA ALA B 34 -4.13 13.68 11.98
C ALA B 34 -3.88 14.02 10.51
N LYS B 35 -2.76 14.69 10.24
CA LYS B 35 -2.45 15.06 8.86
C LYS B 35 -1.61 13.96 8.22
N PHE B 36 -2.20 13.25 7.25
CA PHE B 36 -1.55 12.10 6.62
C PHE B 36 -0.47 12.57 5.62
N VAL B 37 0.25 11.64 4.98
CA VAL B 37 1.38 12.02 4.11
C VAL B 37 0.93 12.69 2.80
N ASP B 38 -0.36 12.58 2.49
CA ASP B 38 -0.94 13.30 1.37
C ASP B 38 -1.22 14.77 1.71
N GLY B 39 -0.86 15.19 2.93
CA GLY B 39 -1.08 16.57 3.37
C GLY B 39 -2.52 16.89 3.76
N GLU B 40 -3.36 15.87 3.83
CA GLU B 40 -4.77 16.07 4.18
C GLU B 40 -5.06 15.57 5.59
N TRP B 41 -6.14 16.10 6.16
CA TRP B 41 -6.48 15.85 7.56
C TRP B 41 -7.51 14.75 7.66
N TYR B 42 -7.35 13.83 8.60
CA TYR B 42 -8.31 12.75 8.79
C TYR B 42 -8.64 12.57 10.28
N ARG B 43 -9.75 11.91 10.56
CA ARG B 43 -10.10 11.58 11.94
C ARG B 43 -9.17 10.43 12.39
N ALA B 44 -8.65 10.53 13.61
CA ALA B 44 -7.74 9.50 14.12
C ALA B 44 -7.93 9.30 15.63
N ARG B 45 -7.37 8.21 16.15
CA ARG B 45 -7.28 7.99 17.59
C ARG B 45 -5.83 7.72 17.96
N VAL B 46 -5.35 8.40 19.01
CA VAL B 46 -4.02 8.12 19.54
C VAL B 46 -4.01 6.75 20.20
N GLU B 47 -3.15 5.86 19.72
CA GLU B 47 -3.13 4.49 20.21
C GLU B 47 -1.97 4.24 21.16
N LYS B 48 -0.86 4.91 20.90
CA LYS B 48 0.37 4.66 21.63
C LYS B 48 1.17 5.94 21.54
N VAL B 49 1.66 6.43 22.67
CA VAL B 49 2.54 7.59 22.69
C VAL B 49 3.96 7.12 23.07
N GLU B 50 4.77 6.85 22.04
CA GLU B 50 6.14 6.41 22.23
C GLU B 50 7.04 7.60 22.58
N SER B 51 6.73 8.74 22.00
CA SER B 51 7.47 9.99 22.24
C SER B 51 6.81 11.08 21.41
N PRO B 52 7.14 12.35 21.71
CA PRO B 52 6.57 13.51 21.03
C PRO B 52 6.68 13.43 19.52
N ALA B 53 7.81 12.90 19.03
CA ALA B 53 8.03 12.75 17.61
C ALA B 53 7.38 11.48 17.07
N LYS B 54 6.97 10.58 17.96
CA LYS B 54 6.44 9.29 17.56
C LYS B 54 5.07 8.91 18.17
N ILE B 55 4.03 9.63 17.76
CA ILE B 55 2.66 9.28 18.16
C ILE B 55 2.09 8.24 17.21
N HIS B 56 1.67 7.09 17.75
CA HIS B 56 1.05 6.03 16.96
C HIS B 56 -0.47 6.25 16.87
N VAL B 57 -0.95 6.61 15.69
CA VAL B 57 -2.38 6.86 15.50
C VAL B 57 -3.02 5.80 14.62
N PHE B 58 -4.33 5.67 14.78
CA PHE B 58 -5.13 4.84 13.94
C PHE B 58 -6.13 5.77 13.26
N TYR B 59 -6.22 5.68 11.94
CA TYR B 59 -7.16 6.48 11.19
C TYR B 59 -8.51 5.78 11.26
N ILE B 60 -9.43 6.37 12.03
CA ILE B 60 -10.61 5.63 12.45
C ILE B 60 -11.57 5.35 11.34
N ASP B 61 -11.46 6.09 10.24
CA ASP B 61 -12.36 5.87 9.11
C ASP B 61 -11.76 4.99 8.01
N TYR B 62 -10.45 4.78 8.04
CA TYR B 62 -9.80 4.07 6.94
C TYR B 62 -9.04 2.80 7.34
N GLY B 63 -8.69 2.68 8.62
CA GLY B 63 -8.09 1.46 9.12
C GLY B 63 -6.57 1.42 9.11
N ASN B 64 -5.96 2.44 8.50
CA ASN B 64 -4.51 2.54 8.43
C ASN B 64 -3.91 3.09 9.73
N ARG B 65 -2.69 2.67 10.02
CA ARG B 65 -1.97 3.12 11.20
C ARG B 65 -0.72 3.87 10.79
N GLU B 66 -0.32 4.84 11.59
CA GLU B 66 0.85 5.61 11.27
C GLU B 66 1.50 6.19 12.54
N VAL B 67 2.83 6.21 12.55
CA VAL B 67 3.58 6.92 13.56
C VAL B 67 3.96 8.29 13.02
N LEU B 68 3.59 9.35 13.71
CA LEU B 68 3.90 10.72 13.27
C LEU B 68 4.14 11.66 14.45
N PRO B 69 4.74 12.83 14.17
CA PRO B 69 4.93 13.85 15.19
C PRO B 69 3.62 14.44 15.66
N SER B 70 3.60 14.95 16.88
CA SER B 70 2.41 15.53 17.48
C SER B 70 2.14 16.91 16.90
N THR B 71 3.09 17.43 16.15
CA THR B 71 2.89 18.66 15.39
C THR B 71 1.89 18.44 14.23
N ARG B 72 1.68 17.18 13.84
CA ARG B 72 0.73 16.87 12.78
C ARG B 72 -0.61 16.35 13.33
N LEU B 73 -0.90 16.69 14.58
CA LEU B 73 -2.15 16.33 15.22
C LEU B 73 -2.92 17.60 15.61
N GLY B 74 -4.23 17.47 15.79
CA GLY B 74 -5.08 18.61 16.15
C GLY B 74 -6.30 18.11 16.89
N THR B 75 -7.07 19.03 17.45
CA THR B 75 -8.31 18.65 18.14
C THR B 75 -9.39 18.23 17.13
N LEU B 76 -10.13 17.17 17.44
CA LEU B 76 -11.30 16.84 16.63
C LEU B 76 -12.53 17.62 17.14
N SER B 77 -13.03 18.58 16.35
CA SER B 77 -14.21 19.37 16.75
C SER B 77 -15.45 18.52 17.03
N PRO B 78 -16.27 18.92 18.01
CA PRO B 78 -17.53 18.22 18.30
C PRO B 78 -18.40 17.98 17.07
N ALA B 79 -18.31 18.84 16.06
CA ALA B 79 -19.14 18.66 14.86
C ALA B 79 -18.75 17.40 14.09
N PHE B 80 -17.57 16.85 14.37
CA PHE B 80 -17.05 15.70 13.61
C PHE B 80 -16.66 14.51 14.50
N SER B 81 -17.29 14.43 15.66
CA SER B 81 -17.00 13.37 16.61
C SER B 81 -17.60 12.04 16.15
N THR B 82 -17.32 10.96 16.88
CA THR B 82 -17.92 9.68 16.55
C THR B 82 -19.42 9.61 16.86
N ARG B 83 -19.94 10.51 17.68
CA ARG B 83 -21.40 10.59 17.86
C ARG B 83 -22.05 11.06 16.56
N VAL B 84 -21.39 11.99 15.88
CA VAL B 84 -21.91 12.47 14.61
C VAL B 84 -21.86 11.37 13.53
N LEU B 85 -20.74 10.66 13.47
CA LEU B 85 -20.58 9.54 12.54
C LEU B 85 -19.55 8.60 13.16
N PRO B 86 -19.96 7.34 13.41
CA PRO B 86 -19.04 6.39 14.03
C PRO B 86 -17.79 6.15 13.20
N ALA B 87 -16.74 5.68 13.85
CA ALA B 87 -15.55 5.25 13.11
C ALA B 87 -15.98 4.32 11.99
N GLN B 88 -15.54 4.60 10.78
CA GLN B 88 -15.92 3.80 9.63
C GLN B 88 -15.03 2.57 9.39
N ALA B 89 -13.95 2.44 10.15
CA ALA B 89 -13.11 1.25 10.10
C ALA B 89 -12.98 0.63 11.51
N THR B 90 -12.76 -0.68 11.58
CA THR B 90 -12.62 -1.40 12.84
C THR B 90 -11.22 -1.29 13.42
N GLU B 91 -11.10 -0.77 14.64
CA GLU B 91 -9.82 -0.67 15.32
C GLU B 91 -9.41 -2.05 15.85
#